data_2ZEW
#
_entry.id   2ZEW
#
_cell.length_a   57.425
_cell.length_b   77.763
_cell.length_c   77.935
_cell.angle_alpha   90.00
_cell.angle_beta   90.00
_cell.angle_gamma   90.00
#
_symmetry.space_group_name_H-M   'P 21 21 21'
#
loop_
_entity.id
_entity.type
_entity.pdbx_description
1 polymer 'S-layer associated multidomain endoglucanase'
2 non-polymer 'CALCIUM ION'
3 water water
#
_entity_poly.entity_id   1
_entity_poly.type   'polypeptide(L)'
_entity_poly.pdbx_seq_one_letter_code
;GSHMVNMVSNPGFEDGLDSWQDWQQDMSAVPEAAHNGALGLKIGGGKAAGGGQDIPLKPNTTYILGAWAKFDSKPAGTFD
VVVQYHLKDANNTYVQHILNFNETDWTYKQLLFTTPDVFGSTPQLALWKGDTSKANLYVDDVYLVEV
;
_entity_poly.pdbx_strand_id   A,B
#
# COMPACT_ATOMS: atom_id res chain seq x y z
N SER A 2 6.20 -12.57 5.94
CA SER A 2 6.84 -11.61 4.98
C SER A 2 5.83 -10.93 4.05
N HIS A 3 4.70 -11.58 3.80
CA HIS A 3 3.75 -11.17 2.76
C HIS A 3 2.62 -10.31 3.30
N MET A 4 2.03 -9.48 2.47
CA MET A 4 0.82 -8.77 2.85
C MET A 4 -0.34 -9.71 2.69
N VAL A 5 -1.38 -9.58 3.53
CA VAL A 5 -2.62 -10.32 3.34
C VAL A 5 -3.75 -9.32 3.09
N ASN A 6 -4.31 -9.40 1.89
CA ASN A 6 -5.44 -8.56 1.53
C ASN A 6 -6.67 -9.14 2.17
N MET A 7 -7.33 -8.33 3.00
CA MET A 7 -8.54 -8.76 3.68
C MET A 7 -9.80 -8.68 2.82
N VAL A 8 -9.68 -8.07 1.65
CA VAL A 8 -10.81 -7.95 0.73
C VAL A 8 -10.94 -9.22 -0.11
N SER A 9 -12.12 -9.84 -0.07
CA SER A 9 -12.38 -11.00 -0.93
C SER A 9 -12.68 -10.58 -2.37
N ASN A 10 -12.17 -11.34 -3.35
CA ASN A 10 -12.37 -11.02 -4.77
C ASN A 10 -12.04 -9.53 -5.09
N PRO A 11 -10.84 -9.08 -4.69
CA PRO A 11 -10.48 -7.64 -4.71
C PRO A 11 -10.29 -7.06 -6.09
N GLY A 12 -10.01 -7.92 -7.07
CA GLY A 12 -9.83 -7.49 -8.45
C GLY A 12 -10.99 -7.83 -9.35
N PHE A 13 -12.08 -8.32 -8.76
CA PHE A 13 -13.30 -8.70 -9.49
C PHE A 13 -13.04 -9.76 -10.56
N GLU A 14 -11.96 -10.49 -10.38
CA GLU A 14 -11.57 -11.54 -11.33
C GLU A 14 -12.48 -12.75 -11.22
N ASP A 15 -13.19 -12.86 -10.10
CA ASP A 15 -14.26 -13.84 -9.92
C ASP A 15 -15.64 -13.20 -10.03
N GLY A 16 -15.75 -12.18 -10.89
CA GLY A 16 -17.03 -11.53 -11.11
C GLY A 16 -17.47 -10.78 -9.87
N LEU A 17 -18.74 -10.95 -9.51
CA LEU A 17 -19.32 -10.32 -8.34
C LEU A 17 -19.29 -11.22 -7.09
N ASP A 18 -18.57 -12.34 -7.17
CA ASP A 18 -18.42 -13.23 -6.01
C ASP A 18 -17.94 -12.44 -4.79
N SER A 19 -18.56 -12.69 -3.64
CA SER A 19 -18.14 -12.14 -2.34
C SER A 19 -18.49 -10.67 -2.14
N TRP A 20 -19.13 -10.06 -3.13
CA TRP A 20 -19.59 -8.68 -3.01
C TRP A 20 -21.11 -8.64 -2.95
N GLN A 21 -21.64 -7.79 -2.07
CA GLN A 21 -23.06 -7.50 -2.06
C GLN A 21 -23.33 -6.36 -3.04
N ASP A 22 -24.41 -6.50 -3.81
CA ASP A 22 -24.86 -5.49 -4.79
C ASP A 22 -26.15 -4.89 -4.23
N TRP A 23 -26.05 -3.69 -3.63
CA TRP A 23 -27.15 -3.11 -2.85
C TRP A 23 -28.33 -2.57 -3.65
N GLN A 24 -28.06 -2.16 -4.89
CA GLN A 24 -29.08 -1.53 -5.75
C GLN A 24 -29.25 -2.23 -7.11
N GLN A 25 -28.73 -3.46 -7.23
CA GLN A 25 -28.76 -4.23 -8.50
CA GLN A 25 -28.82 -4.21 -8.48
C GLN A 25 -28.24 -3.38 -9.64
N ASP A 26 -27.08 -2.78 -9.41
CA ASP A 26 -26.50 -1.84 -10.35
C ASP A 26 -25.01 -2.12 -10.56
N MET A 27 -24.59 -3.36 -10.31
CA MET A 27 -23.19 -3.73 -10.47
C MET A 27 -22.99 -4.83 -11.51
N SER A 28 -21.90 -4.73 -12.25
CA SER A 28 -21.43 -5.84 -13.09
C SER A 28 -19.91 -5.89 -13.18
N ALA A 29 -19.38 -7.09 -13.36
CA ALA A 29 -17.94 -7.25 -13.56
C ALA A 29 -17.69 -7.40 -15.05
N VAL A 30 -16.99 -6.42 -15.62
CA VAL A 30 -16.86 -6.28 -17.08
C VAL A 30 -15.44 -5.89 -17.51
N PRO A 31 -15.03 -6.29 -18.73
CA PRO A 31 -13.67 -6.02 -19.18
C PRO A 31 -13.32 -4.54 -19.31
N GLU A 32 -14.29 -3.72 -19.72
CA GLU A 32 -14.03 -2.29 -19.88
C GLU A 32 -13.69 -1.57 -18.57
N ALA A 33 -14.00 -2.23 -17.45
CA ALA A 33 -13.78 -1.63 -16.13
C ALA A 33 -12.49 -2.12 -15.48
N ALA A 34 -11.73 -2.96 -16.19
CA ALA A 34 -10.49 -3.52 -15.66
C ALA A 34 -9.34 -2.51 -15.68
N HIS A 35 -8.68 -2.35 -14.54
CA HIS A 35 -7.40 -1.67 -14.51
C HIS A 35 -6.27 -2.70 -14.55
N ASN A 36 -6.54 -3.86 -13.99
CA ASN A 36 -5.59 -4.96 -13.93
C ASN A 36 -6.37 -6.28 -14.11
N GLY A 37 -5.73 -7.28 -14.72
CA GLY A 37 -6.41 -8.53 -14.98
C GLY A 37 -7.45 -8.43 -16.07
N ALA A 38 -8.45 -9.31 -16.03
CA ALA A 38 -9.45 -9.39 -17.11
C ALA A 38 -10.72 -8.59 -16.86
N LEU A 39 -10.99 -8.25 -15.61
CA LEU A 39 -12.27 -7.63 -15.23
C LEU A 39 -12.10 -6.51 -14.21
N GLY A 40 -13.06 -5.60 -14.17
CA GLY A 40 -13.21 -4.63 -13.08
C GLY A 40 -14.68 -4.48 -12.72
N LEU A 41 -14.97 -3.71 -11.69
CA LEU A 41 -16.35 -3.49 -11.30
C LEU A 41 -16.90 -2.25 -11.99
N LYS A 42 -18.06 -2.39 -12.64
CA LYS A 42 -18.79 -1.25 -13.17
C LYS A 42 -20.03 -1.00 -12.31
N ILE A 43 -20.15 0.20 -11.76
CA ILE A 43 -21.36 0.61 -11.05
C ILE A 43 -22.10 1.56 -11.98
N GLY A 44 -23.28 1.15 -12.42
CA GLY A 44 -23.99 1.88 -13.48
C GLY A 44 -24.50 3.24 -13.08
N GLY A 45 -24.40 4.18 -14.01
CA GLY A 45 -24.85 5.54 -13.77
C GLY A 45 -26.35 5.70 -13.70
N GLY A 46 -26.77 6.90 -13.30
CA GLY A 46 -28.18 7.26 -13.38
C GLY A 46 -28.87 7.35 -12.04
N LYS A 47 -28.24 6.77 -11.02
CA LYS A 47 -28.76 6.74 -9.66
C LYS A 47 -27.60 6.44 -8.72
N ALA A 48 -27.75 6.84 -7.46
CA ALA A 48 -26.78 6.48 -6.41
C ALA A 48 -26.84 4.96 -6.20
N ALA A 49 -25.69 4.32 -6.07
CA ALA A 49 -25.67 2.87 -5.90
C ALA A 49 -24.33 2.44 -5.36
N GLY A 50 -24.30 1.28 -4.72
CA GLY A 50 -23.05 0.74 -4.26
C GLY A 50 -23.15 -0.70 -3.83
N GLY A 51 -22.13 -1.13 -3.12
CA GLY A 51 -22.00 -2.52 -2.70
C GLY A 51 -20.91 -2.63 -1.67
N GLY A 52 -20.66 -3.83 -1.20
CA GLY A 52 -19.65 -3.98 -0.18
C GLY A 52 -19.51 -5.39 0.33
N GLN A 53 -18.73 -5.51 1.40
CA GLN A 53 -18.55 -6.78 2.05
C GLN A 53 -18.11 -6.59 3.49
N ASP A 54 -18.37 -7.59 4.32
CA ASP A 54 -17.86 -7.59 5.68
C ASP A 54 -16.39 -7.94 5.64
N ILE A 55 -15.61 -7.37 6.55
CA ILE A 55 -14.19 -7.67 6.61
C ILE A 55 -13.70 -7.84 8.05
N PRO A 56 -13.20 -9.05 8.36
CA PRO A 56 -12.80 -9.42 9.71
C PRO A 56 -11.42 -8.92 10.11
N LEU A 57 -11.34 -7.66 10.52
CA LEU A 57 -10.03 -7.06 10.84
C LEU A 57 -9.51 -7.47 12.20
N LYS A 58 -8.18 -7.44 12.35
CA LYS A 58 -7.53 -7.64 13.65
C LYS A 58 -7.52 -6.34 14.45
N PRO A 59 -7.60 -6.43 15.78
CA PRO A 59 -7.50 -5.25 16.64
C PRO A 59 -6.05 -4.79 16.76
N ASN A 60 -5.87 -3.53 17.19
CA ASN A 60 -4.53 -2.95 17.43
C ASN A 60 -3.56 -3.19 16.29
N THR A 61 -4.04 -3.01 15.05
CA THR A 61 -3.32 -3.37 13.84
C THR A 61 -3.39 -2.22 12.83
N THR A 62 -2.28 -1.96 12.14
CA THR A 62 -2.19 -0.92 11.12
C THR A 62 -2.57 -1.51 9.79
N TYR A 63 -3.51 -0.84 9.10
CA TYR A 63 -3.98 -1.25 7.78
C TYR A 63 -3.83 -0.15 6.74
N ILE A 64 -3.61 -0.57 5.49
CA ILE A 64 -3.64 0.33 4.33
C ILE A 64 -4.83 -0.04 3.49
N LEU A 65 -5.63 0.97 3.16
CA LEU A 65 -6.74 0.84 2.21
C LEU A 65 -6.33 1.51 0.92
N GLY A 66 -6.44 0.80 -0.19
CA GLY A 66 -6.13 1.39 -1.50
C GLY A 66 -7.14 0.96 -2.55
N ALA A 67 -7.31 1.76 -3.60
CA ALA A 67 -8.19 1.38 -4.69
C ALA A 67 -7.88 2.20 -5.92
N TRP A 68 -8.23 1.64 -7.08
CA TRP A 68 -8.18 2.36 -8.34
C TRP A 68 -9.61 2.61 -8.82
N ALA A 69 -9.89 3.81 -9.31
CA ALA A 69 -11.22 4.09 -9.84
C ALA A 69 -11.18 5.15 -10.90
N LYS A 70 -12.24 5.16 -11.71
CA LYS A 70 -12.48 6.26 -12.63
C LYS A 70 -13.95 6.27 -13.04
N PHE A 71 -14.48 7.47 -13.23
CA PHE A 71 -15.76 7.64 -13.90
C PHE A 71 -15.54 7.63 -15.41
N ASP A 72 -16.48 7.04 -16.16
CA ASP A 72 -16.32 6.95 -17.64
C ASP A 72 -16.85 8.20 -18.38
N SER A 73 -17.32 9.16 -17.60
CA SER A 73 -17.85 10.44 -18.09
C SER A 73 -17.83 11.41 -16.91
N LYS A 74 -17.94 12.70 -17.17
CA LYS A 74 -17.90 13.69 -16.10
C LYS A 74 -18.99 13.44 -15.06
N PRO A 75 -18.61 13.23 -13.79
CA PRO A 75 -19.63 13.07 -12.74
C PRO A 75 -20.06 14.41 -12.13
N ALA A 76 -21.21 14.39 -11.45
CA ALA A 76 -21.65 15.52 -10.64
C ALA A 76 -21.16 15.41 -9.20
N GLY A 77 -21.14 14.19 -8.66
CA GLY A 77 -20.72 13.94 -7.28
C GLY A 77 -19.48 13.05 -7.24
N THR A 78 -19.46 12.11 -6.31
CA THR A 78 -18.26 11.31 -6.09
C THR A 78 -18.54 9.82 -5.96
N PHE A 79 -17.45 9.06 -5.95
CA PHE A 79 -17.44 7.66 -5.58
C PHE A 79 -16.56 7.52 -4.35
N ASP A 80 -17.07 6.84 -3.33
CA ASP A 80 -16.36 6.72 -2.06
C ASP A 80 -16.04 5.26 -1.76
N VAL A 81 -14.81 5.02 -1.28
CA VAL A 81 -14.41 3.72 -0.74
C VAL A 81 -14.23 3.90 0.75
N VAL A 82 -14.96 3.09 1.53
CA VAL A 82 -15.08 3.35 2.96
C VAL A 82 -14.84 2.08 3.77
N VAL A 83 -13.99 2.16 4.79
CA VAL A 83 -13.95 1.15 5.84
C VAL A 83 -14.61 1.75 7.07
N GLN A 84 -15.57 1.03 7.65
CA GLN A 84 -16.36 1.59 8.75
C GLN A 84 -16.64 0.53 9.80
N TYR A 85 -16.65 0.96 11.06
CA TYR A 85 -16.93 0.06 12.18
C TYR A 85 -17.21 0.85 13.44
N HIS A 86 -17.89 0.19 14.40
CA HIS A 86 -18.06 0.72 15.74
C HIS A 86 -16.86 0.35 16.61
N LEU A 87 -16.45 1.28 17.46
CA LEU A 87 -15.53 0.92 18.55
C LEU A 87 -16.29 0.16 19.63
N LYS A 88 -15.55 -0.45 20.55
CA LYS A 88 -16.15 -0.98 21.77
C LYS A 88 -15.75 -0.03 22.87
N ASP A 89 -16.54 1.03 22.99
CA ASP A 89 -16.56 1.90 24.14
C ASP A 89 -17.97 1.78 24.68
N ALA A 90 -18.32 2.66 25.61
CA ALA A 90 -19.66 2.67 26.20
C ALA A 90 -20.77 2.71 25.14
N ASN A 91 -20.65 3.64 24.19
CA ASN A 91 -21.71 3.84 23.19
C ASN A 91 -21.46 3.33 21.77
N ASN A 92 -20.51 2.41 21.62
CA ASN A 92 -20.13 1.87 20.30
C ASN A 92 -19.96 2.97 19.26
N THR A 93 -18.97 3.83 19.48
CA THR A 93 -18.64 4.95 18.59
C THR A 93 -18.33 4.46 17.19
N TYR A 94 -18.66 5.27 16.18
CA TYR A 94 -18.57 4.82 14.80
C TYR A 94 -17.59 5.64 13.99
N VAL A 95 -16.66 4.96 13.31
CA VAL A 95 -15.69 5.66 12.49
C VAL A 95 -15.78 5.21 11.04
N GLN A 96 -15.55 6.16 10.15
CA GLN A 96 -15.45 5.86 8.72
C GLN A 96 -14.14 6.41 8.17
N HIS A 97 -13.38 5.51 7.57
CA HIS A 97 -12.14 5.86 6.85
C HIS A 97 -12.49 5.91 5.38
N ILE A 98 -12.35 7.07 4.75
CA ILE A 98 -12.98 7.34 3.45
C ILE A 98 -11.98 7.83 2.40
N LEU A 99 -12.00 7.19 1.23
CA LEU A 99 -11.33 7.72 0.03
C LEU A 99 -12.40 8.23 -0.93
N ASN A 100 -12.23 9.45 -1.40
CA ASN A 100 -13.17 10.05 -2.36
C ASN A 100 -12.58 10.16 -3.74
N PHE A 101 -13.35 9.78 -4.76
CA PHE A 101 -12.92 9.86 -6.16
C PHE A 101 -13.92 10.63 -7.00
N ASN A 102 -13.41 11.45 -7.93
CA ASN A 102 -14.30 12.05 -8.93
C ASN A 102 -13.60 12.15 -10.28
N GLU A 103 -12.49 11.44 -10.41
CA GLU A 103 -11.63 11.56 -11.58
C GLU A 103 -12.17 10.79 -12.77
N THR A 104 -11.84 11.26 -13.97
CA THR A 104 -12.25 10.61 -15.22
C THR A 104 -11.09 9.90 -15.92
N ASP A 105 -9.94 9.83 -15.25
CA ASP A 105 -8.83 8.98 -15.65
C ASP A 105 -8.58 8.03 -14.49
N TRP A 106 -8.06 6.84 -14.76
CA TRP A 106 -7.73 5.88 -13.70
C TRP A 106 -6.87 6.54 -12.64
N THR A 107 -7.32 6.45 -11.39
CA THR A 107 -6.65 7.14 -10.30
C THR A 107 -6.54 6.20 -9.10
N TYR A 108 -5.36 6.15 -8.50
CA TYR A 108 -5.11 5.36 -7.30
C TYR A 108 -5.10 6.28 -6.09
N LYS A 109 -5.82 5.88 -5.03
CA LYS A 109 -5.74 6.60 -3.76
C LYS A 109 -5.60 5.60 -2.60
N GLN A 110 -5.00 6.05 -1.52
CA GLN A 110 -4.80 5.17 -0.36
C GLN A 110 -4.84 5.95 0.94
N LEU A 111 -5.14 5.24 2.02
CA LEU A 111 -5.03 5.81 3.35
C LEU A 111 -4.55 4.74 4.33
N LEU A 112 -4.07 5.20 5.47
CA LEU A 112 -3.62 4.35 6.56
C LEU A 112 -4.52 4.57 7.79
N PHE A 113 -4.83 3.49 8.50
CA PHE A 113 -5.52 3.62 9.78
C PHE A 113 -5.08 2.54 10.73
N THR A 114 -5.31 2.77 12.03
CA THR A 114 -5.01 1.75 13.02
C THR A 114 -6.31 1.38 13.74
N THR A 115 -6.52 0.08 13.89
CA THR A 115 -7.76 -0.42 14.49
C THR A 115 -7.70 -0.36 16.01
N PRO A 116 -8.88 -0.30 16.66
CA PRO A 116 -8.97 -0.19 18.12
C PRO A 116 -8.62 -1.49 18.83
N ASP A 117 -8.56 -1.42 20.15
CA ASP A 117 -8.30 -2.59 20.97
C ASP A 117 -9.46 -3.58 20.91
N VAL A 118 -10.69 -3.05 20.83
CA VAL A 118 -11.90 -3.87 20.73
C VAL A 118 -12.88 -3.23 19.74
N PHE A 119 -13.43 -4.06 18.85
CA PHE A 119 -14.49 -3.64 17.92
C PHE A 119 -15.89 -3.78 18.52
N GLY A 120 -16.76 -2.82 18.24
CA GLY A 120 -18.17 -2.89 18.62
C GLY A 120 -19.06 -3.52 17.57
N SER A 121 -18.52 -3.70 16.35
CA SER A 121 -19.21 -4.34 15.24
C SER A 121 -18.19 -4.90 14.25
N THR A 122 -18.63 -5.76 13.34
CA THR A 122 -17.77 -6.31 12.30
C THR A 122 -17.53 -5.23 11.25
N PRO A 123 -16.26 -4.90 10.97
CA PRO A 123 -16.00 -3.87 9.96
C PRO A 123 -16.61 -4.18 8.60
N GLN A 124 -17.01 -3.11 7.91
CA GLN A 124 -17.56 -3.20 6.58
C GLN A 124 -16.72 -2.38 5.63
N LEU A 125 -16.53 -2.92 4.43
CA LEU A 125 -15.99 -2.20 3.29
C LEU A 125 -17.15 -1.83 2.39
N ALA A 126 -17.34 -0.54 2.16
CA ALA A 126 -18.40 -0.06 1.27
C ALA A 126 -17.81 0.66 0.05
N LEU A 127 -18.38 0.37 -1.11
CA LEU A 127 -18.08 1.07 -2.35
C LEU A 127 -19.35 1.83 -2.68
N TRP A 128 -19.34 3.14 -2.49
CA TRP A 128 -20.57 3.92 -2.61
C TRP A 128 -20.43 4.99 -3.69
N LYS A 129 -21.16 4.80 -4.78
CA LYS A 129 -21.17 5.74 -5.90
C LYS A 129 -22.37 6.65 -5.70
N GLY A 130 -22.20 7.66 -4.85
CA GLY A 130 -23.27 8.60 -4.55
C GLY A 130 -23.64 9.52 -5.71
N ASP A 131 -22.74 9.65 -6.67
CA ASP A 131 -23.01 10.43 -7.87
C ASP A 131 -24.34 10.01 -8.52
N THR A 132 -25.11 11.00 -8.97
CA THR A 132 -26.39 10.72 -9.60
C THR A 132 -26.40 11.05 -11.11
N SER A 133 -25.24 11.42 -11.66
CA SER A 133 -25.14 11.65 -13.10
C SER A 133 -25.22 10.36 -13.90
N LYS A 134 -25.25 10.49 -15.22
CA LYS A 134 -25.22 9.34 -16.13
C LYS A 134 -23.91 8.58 -16.10
N ALA A 135 -22.86 9.18 -15.56
CA ALA A 135 -21.53 8.57 -15.57
C ALA A 135 -21.51 7.18 -14.91
N ASN A 136 -20.89 6.21 -15.58
CA ASN A 136 -20.62 4.93 -14.94
C ASN A 136 -19.33 5.01 -14.16
N LEU A 137 -19.24 4.24 -13.09
CA LEU A 137 -18.05 4.20 -12.27
C LEU A 137 -17.33 2.86 -12.47
N TYR A 138 -16.03 2.92 -12.74
CA TYR A 138 -15.18 1.73 -12.81
C TYR A 138 -14.27 1.70 -11.58
N VAL A 139 -14.17 0.54 -10.93
CA VAL A 139 -13.28 0.38 -9.77
C VAL A 139 -12.59 -0.97 -9.86
N ASP A 140 -11.33 -1.05 -9.43
CA ASP A 140 -10.61 -2.32 -9.51
C ASP A 140 -9.53 -2.34 -8.44
N ASP A 141 -9.11 -3.54 -8.07
CA ASP A 141 -7.98 -3.75 -7.16
C ASP A 141 -8.11 -2.98 -5.84
N VAL A 142 -9.24 -3.21 -5.19
CA VAL A 142 -9.50 -2.68 -3.86
C VAL A 142 -8.79 -3.59 -2.88
N TYR A 143 -7.89 -3.03 -2.08
CA TYR A 143 -7.20 -3.86 -1.12
CA TYR A 143 -7.04 -3.79 -1.17
C TYR A 143 -7.12 -3.20 0.24
N LEU A 144 -6.99 -4.08 1.23
CA LEU A 144 -6.96 -3.68 2.62
C LEU A 144 -5.99 -4.61 3.29
N VAL A 145 -4.79 -4.08 3.56
CA VAL A 145 -3.68 -4.93 4.01
C VAL A 145 -3.13 -4.55 5.36
N GLU A 146 -2.83 -5.56 6.17
CA GLU A 146 -2.16 -5.38 7.46
C GLU A 146 -0.69 -5.22 7.15
N VAL A 147 -0.08 -4.21 7.73
CA VAL A 147 1.34 -3.96 7.45
C VAL A 147 2.13 -3.98 8.73
N GLY B 1 -7.92 -14.16 4.16
CA GLY B 1 -7.55 -13.18 3.09
C GLY B 1 -6.70 -13.77 1.95
N SER B 2 -6.25 -12.89 1.05
CA SER B 2 -5.44 -13.27 -0.11
C SER B 2 -4.03 -12.71 0.01
N HIS B 3 -3.01 -13.56 -0.11
CA HIS B 3 -1.61 -13.14 0.00
C HIS B 3 -1.21 -12.29 -1.18
N MET B 4 -0.40 -11.28 -0.88
CA MET B 4 0.25 -10.44 -1.86
CA MET B 4 0.30 -10.55 -1.91
C MET B 4 1.76 -10.61 -1.63
N VAL B 5 2.47 -11.16 -2.61
CA VAL B 5 3.80 -11.71 -2.40
C VAL B 5 4.89 -10.64 -2.32
N ASN B 6 5.72 -10.73 -1.28
CA ASN B 6 6.84 -9.81 -1.06
C ASN B 6 8.10 -10.33 -1.75
N MET B 7 8.66 -9.50 -2.61
CA MET B 7 9.86 -9.82 -3.40
C MET B 7 11.16 -9.66 -2.63
N VAL B 8 11.10 -9.00 -1.47
CA VAL B 8 12.33 -8.68 -0.73
C VAL B 8 12.82 -9.89 0.05
N SER B 9 14.11 -10.21 -0.07
CA SER B 9 14.72 -11.31 0.71
C SER B 9 15.07 -10.79 2.10
N ASN B 10 14.82 -11.62 3.12
CA ASN B 10 15.10 -11.24 4.51
C ASN B 10 14.53 -9.86 4.84
N PRO B 11 13.24 -9.66 4.58
CA PRO B 11 12.62 -8.32 4.67
C PRO B 11 12.45 -7.79 6.09
N GLY B 12 12.53 -8.66 7.09
CA GLY B 12 12.40 -8.24 8.48
C GLY B 12 13.70 -8.37 9.26
N PHE B 13 14.80 -8.59 8.54
CA PHE B 13 16.12 -8.73 9.18
C PHE B 13 16.19 -9.84 10.19
N GLU B 14 15.27 -10.81 10.07
CA GLU B 14 15.24 -11.91 11.04
C GLU B 14 16.42 -12.85 10.84
N ASP B 15 16.99 -12.84 9.63
CA ASP B 15 18.21 -13.59 9.32
C ASP B 15 19.45 -12.69 9.37
N GLY B 16 19.36 -11.62 10.15
CA GLY B 16 20.47 -10.68 10.28
C GLY B 16 20.61 -9.84 9.03
N LEU B 17 21.84 -9.71 8.54
CA LEU B 17 22.09 -8.92 7.34
C LEU B 17 22.09 -9.77 6.05
N ASP B 18 21.67 -11.03 6.15
CA ASP B 18 21.63 -11.89 4.95
C ASP B 18 20.87 -11.18 3.83
N SER B 19 21.43 -11.26 2.62
CA SER B 19 20.80 -10.74 1.40
C SER B 19 20.83 -9.22 1.25
N TRP B 20 21.41 -8.51 2.22
CA TRP B 20 21.53 -7.05 2.18
C TRP B 20 22.98 -6.64 2.00
N GLN B 21 23.20 -5.77 1.02
CA GLN B 21 24.52 -5.17 0.78
C GLN B 21 24.69 -4.07 1.82
N ASP B 22 25.90 -3.97 2.35
CA ASP B 22 26.23 -3.03 3.41
C ASP B 22 27.31 -2.10 2.83
N TRP B 23 26.90 -0.91 2.40
CA TRP B 23 27.78 -0.08 1.58
C TRP B 23 28.81 0.75 2.34
N GLN B 24 28.51 1.08 3.59
CA GLN B 24 29.39 1.91 4.42
C GLN B 24 29.86 1.20 5.70
N GLN B 25 29.59 -0.10 5.80
CA GLN B 25 29.86 -0.87 7.02
C GLN B 25 29.29 -0.20 8.27
N ASP B 26 28.04 0.24 8.16
CA ASP B 26 27.35 1.01 9.18
C ASP B 26 25.98 0.39 9.53
N MET B 27 25.85 -0.91 9.28
CA MET B 27 24.60 -1.62 9.49
C MET B 27 24.76 -2.75 10.50
N SER B 28 23.75 -2.94 11.33
CA SER B 28 23.73 -4.10 12.22
C SER B 28 22.30 -4.50 12.45
N ALA B 29 22.07 -5.81 12.60
CA ALA B 29 20.76 -6.34 12.92
C ALA B 29 20.67 -6.54 14.42
N VAL B 30 19.80 -5.77 15.07
CA VAL B 30 19.81 -5.71 16.55
C VAL B 30 18.38 -5.66 17.09
N PRO B 31 18.17 -6.15 18.32
CA PRO B 31 16.83 -6.15 18.88
C PRO B 31 16.25 -4.76 19.16
N GLU B 32 17.10 -3.76 19.42
CA GLU B 32 16.59 -2.41 19.67
C GLU B 32 15.91 -1.81 18.45
N ALA B 33 16.23 -2.35 17.27
CA ALA B 33 15.67 -1.83 16.01
C ALA B 33 14.48 -2.64 15.52
N ALA B 34 14.05 -3.64 16.30
CA ALA B 34 12.97 -4.50 15.87
C ALA B 34 11.63 -3.79 16.02
N HIS B 35 10.85 -3.81 14.94
CA HIS B 35 9.45 -3.43 14.99
C HIS B 35 8.60 -4.70 15.12
N ASN B 36 8.94 -5.71 14.32
CA ASN B 36 8.36 -7.05 14.46
C ASN B 36 9.48 -8.07 14.52
N GLY B 37 9.18 -9.24 15.08
CA GLY B 37 10.18 -10.28 15.23
C GLY B 37 11.23 -9.92 16.28
N ALA B 38 12.39 -10.54 16.17
CA ALA B 38 13.44 -10.34 17.16
C ALA B 38 14.47 -9.28 16.79
N LEU B 39 14.56 -8.92 15.51
CA LEU B 39 15.61 -8.02 15.03
C LEU B 39 15.05 -6.98 14.09
N GLY B 40 15.75 -5.86 14.01
CA GLY B 40 15.55 -4.90 12.93
C GLY B 40 16.91 -4.39 12.49
N LEU B 41 16.93 -3.56 11.46
CA LEU B 41 18.17 -2.98 10.97
C LEU B 41 18.44 -1.63 11.64
N LYS B 42 19.62 -1.51 12.24
CA LYS B 42 20.11 -0.21 12.71
C LYS B 42 21.16 0.31 11.75
N ILE B 43 20.96 1.53 11.25
CA ILE B 43 21.98 2.21 10.47
C ILE B 43 22.53 3.32 11.38
N GLY B 44 23.81 3.24 11.68
CA GLY B 44 24.38 4.09 12.72
C GLY B 44 24.47 5.54 12.30
N GLY B 45 24.22 6.44 13.24
CA GLY B 45 24.30 7.89 12.96
C GLY B 45 25.69 8.43 12.68
N GLY B 46 25.74 9.70 12.29
CA GLY B 46 27.00 10.43 12.19
C GLY B 46 27.47 10.72 10.79
N LYS B 47 26.91 9.99 9.82
CA LYS B 47 27.32 10.07 8.43
C LYS B 47 26.21 9.47 7.58
N ALA B 48 26.18 9.81 6.30
CA ALA B 48 25.24 9.18 5.37
C ALA B 48 25.66 7.73 5.12
N ALA B 49 24.70 6.81 5.18
CA ALA B 49 25.01 5.39 5.02
C ALA B 49 23.77 4.61 4.69
N GLY B 50 23.97 3.44 4.10
CA GLY B 50 22.87 2.53 3.86
C GLY B 50 23.31 1.27 3.17
N GLY B 51 22.34 0.62 2.54
CA GLY B 51 22.57 -0.66 1.90
C GLY B 51 21.39 -0.97 1.00
N GLY B 52 21.38 -2.15 0.45
CA GLY B 52 20.34 -2.46 -0.49
C GLY B 52 20.38 -3.86 -1.02
N GLN B 53 19.47 -4.13 -1.93
CA GLN B 53 19.46 -5.44 -2.57
C GLN B 53 18.94 -5.33 -3.99
N ASP B 54 19.54 -6.11 -4.89
CA ASP B 54 19.13 -6.11 -6.28
C ASP B 54 17.94 -7.03 -6.40
N ILE B 55 16.89 -6.53 -7.06
CA ILE B 55 15.65 -7.30 -7.19
C ILE B 55 15.10 -7.17 -8.61
N PRO B 56 15.30 -8.20 -9.44
CA PRO B 56 14.66 -8.19 -10.75
C PRO B 56 13.13 -8.07 -10.61
N LEU B 57 12.53 -7.23 -11.45
CA LEU B 57 11.09 -6.97 -11.41
C LEU B 57 10.51 -7.28 -12.77
N LYS B 58 9.20 -7.51 -12.80
CA LYS B 58 8.49 -7.71 -14.05
C LYS B 58 8.21 -6.36 -14.71
N PRO B 59 8.21 -6.33 -16.05
CA PRO B 59 7.82 -5.13 -16.76
C PRO B 59 6.30 -4.88 -16.70
N ASN B 60 5.90 -3.62 -16.88
CA ASN B 60 4.48 -3.23 -16.89
C ASN B 60 3.69 -3.77 -15.69
N THR B 61 4.28 -3.67 -14.51
CA THR B 61 3.70 -4.29 -13.32
C THR B 61 3.72 -3.26 -12.18
N THR B 62 2.64 -3.22 -11.40
CA THR B 62 2.55 -2.30 -10.28
C THR B 62 3.00 -2.98 -8.99
N TYR B 63 3.85 -2.27 -8.25
CA TYR B 63 4.40 -2.74 -6.98
C TYR B 63 4.11 -1.75 -5.87
N ILE B 64 3.93 -2.28 -4.66
CA ILE B 64 3.90 -1.49 -3.44
C ILE B 64 5.29 -1.54 -2.85
N LEU B 65 5.85 -0.37 -2.57
CA LEU B 65 7.08 -0.25 -1.80
C LEU B 65 6.72 0.33 -0.45
N GLY B 66 7.04 -0.38 0.63
CA GLY B 66 6.69 0.11 1.97
C GLY B 66 7.72 -0.29 3.00
N ALA B 67 7.72 0.39 4.15
CA ALA B 67 8.60 0.03 5.26
C ALA B 67 8.14 0.70 6.53
N TRP B 68 8.58 0.13 7.66
CA TRP B 68 8.47 0.78 8.97
C TRP B 68 9.84 1.35 9.34
N ALA B 69 9.86 2.57 9.86
CA ALA B 69 11.11 3.17 10.28
C ALA B 69 10.95 4.16 11.41
N LYS B 70 12.04 4.40 12.13
CA LYS B 70 12.07 5.50 13.10
C LYS B 70 13.52 5.87 13.40
N PHE B 71 13.76 7.15 13.65
CA PHE B 71 15.03 7.61 14.19
C PHE B 71 14.98 7.62 15.72
N ASP B 72 16.12 7.42 16.37
CA ASP B 72 16.15 7.41 17.84
C ASP B 72 16.35 8.80 18.45
N SER B 73 16.41 9.81 17.58
CA SER B 73 16.56 11.22 17.96
C SER B 73 16.16 12.02 16.72
N LYS B 74 15.76 13.27 16.90
CA LYS B 74 15.31 14.07 15.77
C LYS B 74 16.43 14.25 14.74
N PRO B 75 16.17 13.85 13.48
CA PRO B 75 17.18 14.02 12.45
C PRO B 75 17.15 15.42 11.80
N ALA B 76 18.23 15.78 11.13
CA ALA B 76 18.24 16.98 10.31
C ALA B 76 17.68 16.70 8.92
N GLY B 77 17.98 15.51 8.40
CA GLY B 77 17.51 15.13 7.07
C GLY B 77 16.54 13.96 7.16
N THR B 78 16.68 13.00 6.24
CA THR B 78 15.72 11.89 6.16
C THR B 78 16.39 10.53 6.02
N PHE B 79 15.58 9.49 6.23
CA PHE B 79 15.90 8.12 5.81
C PHE B 79 15.00 7.83 4.64
N ASP B 80 15.59 7.32 3.57
CA ASP B 80 14.88 7.13 2.30
C ASP B 80 14.84 5.65 1.93
N VAL B 81 13.66 5.17 1.58
CA VAL B 81 13.48 3.81 1.07
C VAL B 81 13.19 3.98 -0.42
N VAL B 82 14.00 3.35 -1.27
CA VAL B 82 14.04 3.68 -2.69
C VAL B 82 14.00 2.42 -3.56
N VAL B 83 13.26 2.46 -4.66
CA VAL B 83 13.50 1.54 -5.76
C VAL B 83 14.05 2.39 -6.91
N GLN B 84 15.18 1.96 -7.45
CA GLN B 84 15.90 2.72 -8.47
C GLN B 84 16.35 1.83 -9.61
N TYR B 85 16.32 2.39 -10.82
CA TYR B 85 16.74 1.65 -12.03
C TYR B 85 16.88 2.66 -13.16
N HIS B 86 17.62 2.26 -14.18
CA HIS B 86 17.69 3.02 -15.42
C HIS B 86 16.60 2.60 -16.38
N LEU B 87 16.12 3.56 -17.16
CA LEU B 87 15.24 3.26 -18.29
C LEU B 87 16.10 2.83 -19.47
N LYS B 88 15.47 2.20 -20.45
CA LYS B 88 16.13 1.83 -21.69
C LYS B 88 15.76 2.84 -22.76
N ASP B 89 16.11 4.10 -22.51
CA ASP B 89 15.91 5.18 -23.47
C ASP B 89 17.26 5.73 -23.96
N ALA B 90 17.22 6.75 -24.81
CA ALA B 90 18.44 7.31 -25.39
C ALA B 90 19.51 7.67 -24.35
N ASN B 91 19.07 8.24 -23.23
CA ASN B 91 19.97 8.74 -22.21
C ASN B 91 20.27 7.77 -21.06
N ASN B 92 19.52 6.68 -21.01
CA ASN B 92 19.42 5.84 -19.80
C ASN B 92 19.08 6.67 -18.58
N THR B 93 17.93 7.32 -18.67
CA THR B 93 17.38 8.12 -17.60
C THR B 93 17.33 7.28 -16.33
N TYR B 94 17.82 7.84 -15.23
CA TYR B 94 17.78 7.13 -13.96
C TYR B 94 16.56 7.57 -13.17
N VAL B 95 15.79 6.59 -12.70
CA VAL B 95 14.54 6.87 -12.02
C VAL B 95 14.58 6.29 -10.61
N GLN B 96 14.05 7.04 -9.65
CA GLN B 96 13.98 6.62 -8.26
C GLN B 96 12.58 6.85 -7.72
N HIS B 97 12.04 5.81 -7.06
CA HIS B 97 10.74 5.90 -6.38
C HIS B 97 11.09 5.94 -4.90
N ILE B 98 10.81 7.06 -4.25
CA ILE B 98 11.40 7.37 -2.94
C ILE B 98 10.36 7.63 -1.86
N LEU B 99 10.50 6.90 -0.74
CA LEU B 99 9.78 7.22 0.49
C LEU B 99 10.73 7.94 1.43
N ASN B 100 10.28 9.04 2.03
CA ASN B 100 11.08 9.78 3.03
C ASN B 100 10.53 9.63 4.43
N PHE B 101 11.41 9.33 5.38
CA PHE B 101 11.05 9.24 6.79
C PHE B 101 11.91 10.20 7.60
N ASN B 102 11.29 10.85 8.58
CA ASN B 102 12.07 11.63 9.56
C ASN B 102 11.50 11.55 10.97
N GLU B 103 10.64 10.56 11.19
CA GLU B 103 9.89 10.42 12.44
C GLU B 103 10.69 9.75 13.53
N THR B 104 10.35 10.06 14.79
CA THR B 104 11.03 9.47 15.94
C THR B 104 10.13 8.48 16.68
N ASP B 105 8.97 8.19 16.09
CA ASP B 105 8.14 7.06 16.52
C ASP B 105 8.01 6.12 15.33
N TRP B 106 7.83 4.82 15.57
CA TRP B 106 7.65 3.88 14.47
C TRP B 106 6.56 4.34 13.52
N THR B 107 6.91 4.45 12.25
CA THR B 107 6.01 5.00 11.23
C THR B 107 6.06 4.12 10.01
N TYR B 108 4.89 3.83 9.45
CA TYR B 108 4.80 3.09 8.21
C TYR B 108 4.46 4.03 7.06
N LYS B 109 5.15 3.88 5.92
CA LYS B 109 4.79 4.59 4.70
C LYS B 109 4.91 3.64 3.52
N GLN B 110 4.09 3.89 2.49
CA GLN B 110 4.22 3.15 1.26
C GLN B 110 3.82 3.97 0.05
N LEU B 111 4.36 3.58 -1.10
CA LEU B 111 3.97 4.17 -2.36
C LEU B 111 3.80 3.05 -3.37
N LEU B 112 3.14 3.36 -4.48
CA LEU B 112 3.02 2.42 -5.57
C LEU B 112 3.68 2.99 -6.81
N PHE B 113 4.24 2.10 -7.60
CA PHE B 113 4.80 2.49 -8.89
C PHE B 113 4.60 1.38 -9.89
N THR B 114 4.61 1.75 -11.15
CA THR B 114 4.46 0.78 -12.22
C THR B 114 5.74 0.78 -13.04
N THR B 115 6.28 -0.42 -13.28
CA THR B 115 7.55 -0.55 -13.97
C THR B 115 7.38 -0.29 -15.46
N PRO B 116 8.46 0.09 -16.15
CA PRO B 116 8.40 0.31 -17.60
C PRO B 116 8.30 -0.99 -18.40
N ASP B 117 8.20 -0.85 -19.71
CA ASP B 117 8.11 -2.01 -20.59
C ASP B 117 9.44 -2.76 -20.71
N VAL B 118 10.54 -2.03 -20.58
CA VAL B 118 11.89 -2.58 -20.65
C VAL B 118 12.77 -1.87 -19.61
N PHE B 119 13.70 -2.58 -19.00
CA PHE B 119 14.62 -1.98 -18.03
C PHE B 119 15.99 -1.72 -18.62
N GLY B 120 16.61 -0.62 -18.22
CA GLY B 120 18.00 -0.33 -18.62
C GLY B 120 19.02 -0.91 -17.66
N SER B 121 18.59 -1.18 -16.43
CA SER B 121 19.43 -1.86 -15.44
C SER B 121 18.52 -2.57 -14.45
N THR B 122 19.10 -3.48 -13.66
CA THR B 122 18.35 -4.25 -12.67
C THR B 122 17.91 -3.35 -11.52
N PRO B 123 16.59 -3.32 -11.24
CA PRO B 123 16.15 -2.54 -10.08
C PRO B 123 16.86 -2.90 -8.78
N GLN B 124 17.09 -1.85 -7.99
CA GLN B 124 17.68 -2.00 -6.68
C GLN B 124 16.77 -1.36 -5.65
N LEU B 125 16.58 -2.06 -4.53
CA LEU B 125 15.90 -1.49 -3.37
C LEU B 125 17.00 -0.98 -2.47
N ALA B 126 17.02 0.32 -2.23
CA ALA B 126 18.02 0.94 -1.38
C ALA B 126 17.39 1.48 -0.10
N LEU B 127 18.10 1.26 1.01
CA LEU B 127 17.76 1.84 2.31
C LEU B 127 18.86 2.86 2.57
N TRP B 128 18.53 4.14 2.43
CA TRP B 128 19.55 5.18 2.44
C TRP B 128 19.30 6.21 3.52
N LYS B 129 20.11 6.13 4.57
CA LYS B 129 20.03 7.09 5.66
C LYS B 129 20.93 8.28 5.35
N GLY B 130 20.41 9.21 4.54
CA GLY B 130 21.18 10.38 4.13
C GLY B 130 21.40 11.40 5.24
N ASP B 131 20.57 11.38 6.28
CA ASP B 131 20.77 12.25 7.44
C ASP B 131 22.20 12.05 7.97
N THR B 132 22.83 13.14 8.42
CA THR B 132 24.22 13.04 8.92
C THR B 132 24.31 13.34 10.43
N SER B 133 23.17 13.58 11.07
CA SER B 133 23.17 13.83 12.52
C SER B 133 23.54 12.58 13.31
N LYS B 134 23.73 12.70 14.62
CA LYS B 134 24.07 11.55 15.45
C LYS B 134 22.89 10.56 15.59
N ALA B 135 21.72 10.95 15.08
CA ALA B 135 20.55 10.05 15.15
C ALA B 135 20.79 8.69 14.51
N ASN B 136 20.44 7.63 15.23
CA ASN B 136 20.46 6.28 14.64
C ASN B 136 19.12 6.01 13.99
N LEU B 137 19.14 5.22 12.92
CA LEU B 137 17.93 4.89 12.19
C LEU B 137 17.62 3.41 12.35
N TYR B 138 16.37 3.12 12.71
CA TYR B 138 15.88 1.74 12.75
C TYR B 138 14.89 1.54 11.62
N VAL B 139 15.01 0.44 10.90
CA VAL B 139 14.07 0.11 9.84
C VAL B 139 13.78 -1.39 9.91
N ASP B 140 12.54 -1.75 9.62
CA ASP B 140 12.15 -3.15 9.68
C ASP B 140 10.95 -3.34 8.76
N ASP B 141 10.67 -4.60 8.42
CA ASP B 141 9.49 -4.98 7.67
C ASP B 141 9.34 -4.21 6.35
N VAL B 142 10.34 -4.41 5.51
CA VAL B 142 10.39 -3.79 4.18
C VAL B 142 9.54 -4.63 3.20
N TYR B 143 8.76 -3.95 2.37
CA TYR B 143 7.89 -4.62 1.41
C TYR B 143 8.16 -4.14 0.00
N LEU B 144 8.24 -5.08 -0.91
CA LEU B 144 8.14 -4.77 -2.34
C LEU B 144 7.24 -5.82 -2.93
N VAL B 145 5.97 -5.47 -3.08
CA VAL B 145 4.89 -6.44 -3.25
C VAL B 145 4.20 -6.22 -4.57
N GLU B 146 4.06 -7.27 -5.38
CA GLU B 146 3.34 -7.16 -6.64
C GLU B 146 1.83 -7.03 -6.41
N VAL B 147 1.25 -6.01 -7.06
CA VAL B 147 -0.15 -5.54 -6.94
C VAL B 147 -0.35 -4.59 -5.77
#